data_2KU0
#
_entry.id   2KU0
#
loop_
_entity.id
_entity.type
_entity.pdbx_description
1 polymer 'HCV IRES Domain IIa RNA'
2 non-polymer (7S)-7-[(dimethylamino)methyl]-1-[3-(dimethylamino)propyl]-7,8-dihydro-1H-furo[3,2-e]benzimidazol-2-amine
#
_entity_poly.entity_id   1
_entity_poly.type   'polyribonucleotide'
_entity_poly.pdbx_seq_one_letter_code
;GGAGGAACUACUGUCUUCCUUCGGGUCGUGCAGCCUCC
;
_entity_poly.pdbx_strand_id   A
#